data_7EWI
#
_entry.id   7EWI
#
_cell.length_a   56.248
_cell.length_b   61.422
_cell.length_c   75.508
_cell.angle_alpha   90.00
_cell.angle_beta   101.20
_cell.angle_gamma   90.00
#
_symmetry.space_group_name_H-M   'P 1 21 1'
#
loop_
_entity.id
_entity.type
_entity.pdbx_description
1 polymer 'Endoribonuclease MazF'
2 non-polymer 'PHOSPHATE ION'
3 non-polymer GLYCEROL
4 water water
#
_entity_poly.entity_id   1
_entity_poly.type   'polypeptide(L)'
_entity_poly.pdbx_seq_one_letter_code
;RGSHMNIKQFDILYIDLNPTRGREKHNVRPCLVINNQMSIDGTNFVWVLPITTRGLRYPTDIQLKTKKGLVSGVIDTVQI
RALDLKARQYNYKDELQDNLKNDILKAIKTYLKPTL
;
_entity_poly.pdbx_strand_id   C,B,A,D
#
loop_
_chem_comp.id
_chem_comp.type
_chem_comp.name
_chem_comp.formula
GOL non-polymer GLYCEROL 'C3 H8 O3'
PO4 non-polymer 'PHOSPHATE ION' 'O4 P -3'
#
# COMPACT_ATOMS: atom_id res chain seq x y z
N ASN A 6 -27.39 17.10 -1.47
CA ASN A 6 -26.20 17.84 -1.06
C ASN A 6 -25.41 16.84 -0.15
N ILE A 7 -24.31 17.24 0.49
CA ILE A 7 -23.33 16.28 1.02
C ILE A 7 -23.78 15.68 2.35
N LYS A 8 -23.47 14.39 2.56
CA LYS A 8 -23.75 13.71 3.83
C LYS A 8 -22.49 13.06 4.38
N GLN A 9 -22.41 12.97 5.70
CA GLN A 9 -21.33 12.25 6.33
C GLN A 9 -21.24 10.85 5.76
N PHE A 10 -20.03 10.44 5.41
CA PHE A 10 -19.67 9.13 4.87
C PHE A 10 -19.96 9.04 3.38
N ASP A 11 -20.45 10.10 2.75
CA ASP A 11 -20.42 10.16 1.30
C ASP A 11 -18.98 10.09 0.80
N ILE A 12 -18.80 9.56 -0.42
CA ILE A 12 -17.50 9.49 -1.07
C ILE A 12 -17.58 10.35 -2.32
N LEU A 13 -16.70 11.35 -2.42
CA LEU A 13 -16.81 12.40 -3.43
C LEU A 13 -15.51 12.45 -4.19
N TYR A 14 -15.58 12.61 -5.52
CA TYR A 14 -14.42 13.06 -6.25
C TYR A 14 -14.14 14.51 -5.90
N ILE A 15 -12.90 14.83 -5.55
CA ILE A 15 -12.53 16.20 -5.20
C ILE A 15 -11.12 16.44 -5.69
N ASP A 16 -10.91 17.60 -6.30
CA ASP A 16 -9.58 18.06 -6.65
C ASP A 16 -8.92 18.63 -5.39
N LEU A 17 -7.83 18.02 -4.96
CA LEU A 17 -7.11 18.40 -3.72
C LEU A 17 -5.95 19.36 -3.98
N ASN A 18 -5.63 19.66 -5.23
CA ASN A 18 -4.48 20.52 -5.58
C ASN A 18 -4.72 21.96 -5.10
N PRO A 19 -3.67 22.76 -4.86
CA PRO A 19 -2.30 22.28 -4.72
C PRO A 19 -1.87 21.77 -3.33
N THR A 20 -0.90 20.87 -3.33
CA THR A 20 -0.38 20.21 -2.12
C THR A 20 1.15 20.13 -2.15
N ARG A 21 1.73 19.72 -1.04
CA ARG A 21 3.18 19.62 -0.96
C ARG A 21 3.60 18.27 -0.38
N GLY A 22 4.77 17.81 -0.79
CA GLY A 22 5.33 16.57 -0.27
C GLY A 22 4.40 15.38 -0.44
N ARG A 23 4.22 14.64 0.65
CA ARG A 23 3.42 13.41 0.61
C ARG A 23 1.92 13.68 0.62
N GLU A 24 1.49 14.92 0.75
CA GLU A 24 0.06 15.23 0.78
C GLU A 24 -0.62 14.77 -0.50
N LYS A 25 -1.71 14.01 -0.35
CA LYS A 25 -2.42 13.49 -1.51
C LYS A 25 -2.84 14.62 -2.43
N HIS A 26 -2.57 14.44 -3.70
CA HIS A 26 -2.93 15.47 -4.70
C HIS A 26 -3.77 14.86 -5.80
N ASN A 27 -4.09 15.72 -6.77
CA ASN A 27 -4.81 15.37 -8.01
C ASN A 27 -6.31 15.28 -7.69
N VAL A 28 -7.09 14.85 -8.63
CA VAL A 28 -8.52 14.63 -8.36
C VAL A 28 -8.62 13.16 -7.93
N ARG A 29 -9.32 12.94 -6.86
CA ARG A 29 -9.42 11.57 -6.32
C ARG A 29 -10.64 11.44 -5.40
N PRO A 30 -11.19 10.23 -5.25
CA PRO A 30 -12.27 10.02 -4.27
C PRO A 30 -11.80 10.37 -2.87
N CYS A 31 -12.73 10.95 -2.08
CA CYS A 31 -12.46 11.31 -0.71
C CYS A 31 -13.67 10.92 0.13
N LEU A 32 -13.40 10.46 1.35
CA LEU A 32 -14.45 10.06 2.27
C LEU A 32 -14.76 11.23 3.20
N VAL A 33 -16.03 11.64 3.24
CA VAL A 33 -16.48 12.73 4.10
C VAL A 33 -16.73 12.18 5.51
N ILE A 34 -16.11 12.79 6.52
CA ILE A 34 -16.19 12.25 7.88
C ILE A 34 -16.73 13.22 8.93
N ASN A 35 -16.95 14.51 8.63
CA ASN A 35 -17.59 15.32 9.66
C ASN A 35 -19.10 15.12 9.59
N ASN A 36 -19.80 15.49 10.65
CA ASN A 36 -21.22 15.17 10.79
C ASN A 36 -22.10 16.23 10.13
N GLN A 37 -23.39 15.90 9.97
CA GLN A 37 -24.27 16.74 9.17
C GLN A 37 -24.35 18.16 9.72
N MET A 38 -24.40 18.30 11.05
CA MET A 38 -24.39 19.61 11.68
C MET A 38 -23.17 20.42 11.26
N SER A 39 -21.99 19.79 11.25
CA SER A 39 -20.78 20.46 10.80
C SER A 39 -20.85 20.84 9.32
N ILE A 40 -21.27 19.89 8.49
CA ILE A 40 -21.33 20.15 7.05
C ILE A 40 -22.28 21.32 6.77
N ASP A 41 -23.52 21.23 7.28
CA ASP A 41 -24.53 22.24 6.99
C ASP A 41 -24.21 23.56 7.67
N GLY A 42 -23.65 23.51 8.88
CA GLY A 42 -23.32 24.71 9.62
C GLY A 42 -22.15 25.51 9.10
N THR A 43 -21.09 24.84 8.63
CA THR A 43 -19.86 25.52 8.27
C THR A 43 -19.56 25.49 6.78
N ASN A 44 -20.25 24.64 6.03
CA ASN A 44 -20.00 24.43 4.60
C ASN A 44 -18.55 24.00 4.33
N PHE A 45 -17.85 23.52 5.34
CA PHE A 45 -16.59 22.81 5.18
C PHE A 45 -16.86 21.32 5.24
N VAL A 46 -16.09 20.54 4.49
CA VAL A 46 -16.18 19.09 4.55
C VAL A 46 -14.80 18.59 5.01
N TRP A 47 -14.80 17.71 6.02
CA TRP A 47 -13.59 16.99 6.43
C TRP A 47 -13.51 15.69 5.65
N VAL A 48 -12.37 15.44 5.02
CA VAL A 48 -12.25 14.27 4.14
C VAL A 48 -11.02 13.46 4.50
N LEU A 49 -11.11 12.17 4.24
CA LEU A 49 -9.95 11.29 4.18
C LEU A 49 -9.74 10.87 2.75
N PRO A 50 -8.56 11.05 2.19
CA PRO A 50 -8.37 10.71 0.79
C PRO A 50 -8.22 9.21 0.60
N ILE A 51 -8.59 8.77 -0.60
CA ILE A 51 -8.59 7.36 -0.99
C ILE A 51 -7.57 7.19 -2.09
N THR A 52 -6.80 6.10 -2.02
CA THR A 52 -5.74 5.87 -2.98
C THR A 52 -5.82 4.47 -3.54
N THR A 53 -5.25 4.29 -4.73
CA THR A 53 -5.24 2.97 -5.36
C THR A 53 -3.88 2.30 -5.28
N ARG A 54 -2.89 2.97 -4.69
CA ARG A 54 -1.57 2.39 -4.54
C ARG A 54 -1.48 1.23 -3.54
N GLY A 55 -2.55 0.82 -2.87
CA GLY A 55 -2.46 -0.34 -2.02
C GLY A 55 -2.32 0.03 -0.56
N LEU A 56 -2.13 -1.00 0.26
CA LEU A 56 -2.15 -0.79 1.71
C LEU A 56 -0.71 -0.93 2.22
N ARG A 57 -0.14 0.17 2.70
CA ARG A 57 1.29 0.29 2.91
C ARG A 57 1.63 0.55 4.36
N TYR A 58 0.71 1.13 5.10
CA TYR A 58 0.93 1.69 6.42
C TYR A 58 -0.12 1.17 7.38
N PRO A 59 0.23 1.05 8.66
CA PRO A 59 -0.75 0.62 9.66
C PRO A 59 -1.90 1.59 9.81
N THR A 60 -1.77 2.81 9.27
CA THR A 60 -2.83 3.79 9.34
C THR A 60 -3.80 3.67 8.17
N ASP A 61 -3.50 2.83 7.19
CA ASP A 61 -4.34 2.59 6.03
C ASP A 61 -5.49 1.66 6.38
N ILE A 62 -6.66 1.92 5.80
CA ILE A 62 -7.84 1.08 6.00
C ILE A 62 -8.48 0.81 4.65
N GLN A 63 -8.64 -0.46 4.30
CA GLN A 63 -9.19 -0.80 2.99
C GLN A 63 -10.61 -0.30 2.87
N LEU A 64 -10.94 0.26 1.70
CA LEU A 64 -12.25 0.86 1.47
C LEU A 64 -13.28 -0.20 1.12
N LYS A 65 -14.48 -0.05 1.66
CA LYS A 65 -15.63 -0.81 1.20
C LYS A 65 -16.81 0.14 1.10
N THR A 66 -17.59 0.03 0.03
CA THR A 66 -18.63 1.02 -0.27
C THR A 66 -19.97 0.33 -0.50
N LYS A 67 -21.03 1.14 -0.52
CA LYS A 67 -22.37 0.60 -0.67
C LYS A 67 -22.71 0.22 -2.09
N LYS A 68 -22.16 0.93 -3.07
CA LYS A 68 -22.50 0.72 -4.47
C LYS A 68 -21.43 -0.06 -5.23
N GLY A 69 -20.25 -0.22 -4.64
CA GLY A 69 -19.17 -0.91 -5.32
C GLY A 69 -18.52 -0.09 -6.41
N LEU A 70 -18.75 1.22 -6.42
CA LEU A 70 -18.29 2.07 -7.51
C LEU A 70 -16.91 2.66 -7.27
N VAL A 71 -16.44 2.70 -6.02
CA VAL A 71 -15.11 3.19 -5.69
C VAL A 71 -14.36 2.06 -5.01
N SER A 72 -13.08 1.91 -5.33
CA SER A 72 -12.23 0.96 -4.63
C SER A 72 -10.91 1.61 -4.29
N GLY A 73 -10.26 1.10 -3.26
CA GLY A 73 -8.97 1.61 -2.85
C GLY A 73 -8.80 1.48 -1.34
N VAL A 74 -7.85 2.25 -0.83
CA VAL A 74 -7.46 2.30 0.57
C VAL A 74 -7.70 3.72 1.11
N ILE A 75 -8.24 3.83 2.32
CA ILE A 75 -8.42 5.12 2.98
C ILE A 75 -7.13 5.47 3.69
N ASP A 76 -6.57 6.64 3.40
CA ASP A 76 -5.42 7.13 4.17
C ASP A 76 -5.94 7.95 5.34
N THR A 77 -6.01 7.34 6.52
CA THR A 77 -6.58 8.03 7.69
C THR A 77 -5.66 9.10 8.27
N VAL A 78 -4.39 9.15 7.86
CA VAL A 78 -3.51 10.21 8.37
C VAL A 78 -3.86 11.57 7.78
N GLN A 79 -4.35 11.60 6.54
CA GLN A 79 -4.35 12.84 5.76
C GLN A 79 -5.69 13.55 5.78
N ILE A 80 -6.22 13.75 6.98
CA ILE A 80 -7.48 14.46 7.17
C ILE A 80 -7.35 15.91 6.69
N ARG A 81 -8.39 16.41 6.03
CA ARG A 81 -8.36 17.76 5.47
C ARG A 81 -9.75 18.35 5.52
N ALA A 82 -9.87 19.57 6.03
CA ALA A 82 -11.09 20.35 5.88
C ALA A 82 -11.01 21.17 4.59
N LEU A 83 -11.99 21.00 3.72
CA LEU A 83 -11.98 21.64 2.41
C LEU A 83 -13.18 22.55 2.25
N ASP A 84 -12.97 23.66 1.55
CA ASP A 84 -14.06 24.58 1.21
C ASP A 84 -14.63 24.13 -0.13
N LEU A 85 -15.77 23.44 -0.09
CA LEU A 85 -16.33 22.92 -1.33
C LEU A 85 -17.13 23.94 -2.14
N LYS A 86 -17.37 25.15 -1.61
CA LYS A 86 -17.73 26.25 -2.49
C LYS A 86 -16.59 26.74 -3.39
N ALA A 87 -15.33 26.38 -3.10
CA ALA A 87 -14.22 26.80 -3.96
C ALA A 87 -13.56 25.66 -4.71
N ARG A 88 -14.14 24.46 -4.69
CA ARG A 88 -13.50 23.30 -5.29
C ARG A 88 -14.49 22.53 -6.15
N GLN A 89 -13.97 21.85 -7.16
CA GLN A 89 -14.76 20.90 -7.94
C GLN A 89 -14.98 19.62 -7.13
N TYR A 90 -16.23 19.15 -7.07
CA TYR A 90 -16.56 17.88 -6.42
C TYR A 90 -17.80 17.26 -7.06
N ASN A 91 -17.85 15.92 -7.05
CA ASN A 91 -19.06 15.17 -7.41
C ASN A 91 -19.21 13.91 -6.58
N TYR A 92 -20.46 13.65 -6.16
CA TYR A 92 -20.75 12.43 -5.42
C TYR A 92 -20.52 11.21 -6.30
N LYS A 93 -19.98 10.15 -5.71
CA LYS A 93 -19.82 8.88 -6.42
C LYS A 93 -20.37 7.68 -5.66
N ASP A 94 -20.14 7.60 -4.34
CA ASP A 94 -20.48 6.39 -3.59
C ASP A 94 -20.61 6.76 -2.10
N GLU A 95 -20.74 5.73 -1.26
CA GLU A 95 -20.98 5.89 0.17
C GLU A 95 -20.28 4.76 0.91
N LEU A 96 -19.80 5.05 2.12
CA LEU A 96 -19.11 4.05 2.92
C LEU A 96 -20.08 2.96 3.37
N GLN A 97 -19.61 1.70 3.39
CA GLN A 97 -20.44 0.62 3.92
C GLN A 97 -20.77 0.88 5.38
N ASP A 98 -22.00 0.54 5.76
CA ASP A 98 -22.46 0.81 7.12
C ASP A 98 -21.50 0.26 8.18
N ASN A 99 -21.08 -0.99 8.02
CA ASN A 99 -20.31 -1.62 9.08
C ASN A 99 -18.85 -1.18 9.09
N LEU A 100 -18.50 -0.18 8.28
CA LEU A 100 -17.18 0.44 8.37
C LEU A 100 -17.22 1.79 9.06
N LYS A 101 -18.42 2.36 9.20
CA LYS A 101 -18.57 3.73 9.68
C LYS A 101 -17.93 3.91 11.06
N ASN A 102 -18.26 3.01 12.00
CA ASN A 102 -17.77 3.18 13.36
C ASN A 102 -16.27 3.00 13.47
N ASP A 103 -15.71 2.01 12.76
CA ASP A 103 -14.26 1.81 12.76
C ASP A 103 -13.54 3.05 12.24
N ILE A 104 -14.12 3.70 11.23
CA ILE A 104 -13.49 4.90 10.69
C ILE A 104 -13.43 6.00 11.74
N LEU A 105 -14.59 6.30 12.36
CA LEU A 105 -14.62 7.33 13.39
C LEU A 105 -13.67 7.00 14.55
N LYS A 106 -13.63 5.72 14.97
CA LYS A 106 -12.72 5.32 16.04
C LYS A 106 -11.27 5.48 15.62
N ALA A 107 -10.97 5.20 14.35
CA ALA A 107 -9.61 5.36 13.84
C ALA A 107 -9.19 6.83 13.87
N ILE A 108 -10.09 7.74 13.48
CA ILE A 108 -9.77 9.16 13.61
C ILE A 108 -9.64 9.58 15.07
N LYS A 109 -10.56 9.14 15.93
CA LYS A 109 -10.48 9.62 17.31
C LYS A 109 -9.22 9.11 18.03
N THR A 110 -8.61 8.04 17.52
CA THR A 110 -7.37 7.50 18.10
C THR A 110 -6.19 8.45 17.92
N TYR A 111 -6.13 9.19 16.81
CA TYR A 111 -5.05 10.16 16.63
C TYR A 111 -5.08 11.26 17.67
N LEU A 112 -6.27 11.57 18.18
CA LEU A 112 -6.45 12.62 19.18
C LEU A 112 -6.10 12.19 20.60
N LYS A 113 -6.16 10.92 20.91
CA LYS A 113 -5.93 10.52 22.29
C LYS A 113 -4.45 10.66 22.64
N PRO A 114 -4.12 11.39 23.70
CA PRO A 114 -2.70 11.65 23.97
C PRO A 114 -1.95 10.36 24.24
N THR A 115 -0.68 10.38 23.91
CA THR A 115 0.24 9.26 24.15
C THR A 115 1.45 9.89 24.83
N LEU A 116 1.29 10.22 26.10
CA LEU A 116 2.32 10.89 26.89
C LEU A 116 3.17 9.85 27.60
N ILE B 7 -6.62 -22.83 -21.48
CA ILE B 7 -6.10 -21.91 -20.46
C ILE B 7 -5.34 -20.76 -21.14
N LYS B 8 -5.64 -19.52 -20.75
CA LYS B 8 -4.94 -18.38 -21.31
C LYS B 8 -4.41 -17.49 -20.20
N GLN B 9 -3.56 -16.54 -20.59
CA GLN B 9 -3.01 -15.59 -19.65
C GLN B 9 -4.14 -14.81 -18.98
N PHE B 10 -4.05 -14.70 -17.65
CA PHE B 10 -4.98 -14.01 -16.75
C PHE B 10 -6.26 -14.78 -16.50
N ASP B 11 -6.34 -16.03 -16.92
CA ASP B 11 -7.37 -16.92 -16.39
C ASP B 11 -7.11 -17.15 -14.90
N ILE B 12 -8.17 -17.56 -14.20
CA ILE B 12 -8.09 -17.85 -12.77
C ILE B 12 -8.50 -19.30 -12.58
N LEU B 13 -7.57 -20.10 -12.07
CA LEU B 13 -7.78 -21.53 -11.96
C LEU B 13 -7.78 -21.94 -10.50
N TYR B 14 -8.61 -22.92 -10.19
CA TYR B 14 -8.51 -23.67 -8.95
C TYR B 14 -7.51 -24.79 -9.10
N ILE B 15 -6.40 -24.69 -8.38
CA ILE B 15 -5.31 -25.64 -8.51
C ILE B 15 -4.87 -26.05 -7.12
N ASP B 16 -4.52 -27.32 -6.96
CA ASP B 16 -3.89 -27.81 -5.75
C ASP B 16 -2.45 -27.33 -5.71
N LEU B 17 -2.11 -26.52 -4.73
CA LEU B 17 -0.73 -26.11 -4.52
C LEU B 17 0.06 -27.08 -3.66
N ASN B 18 -0.61 -28.05 -3.03
CA ASN B 18 0.06 -28.89 -2.03
C ASN B 18 1.06 -29.84 -2.68
N PRO B 19 2.04 -30.31 -1.89
CA PRO B 19 2.35 -29.80 -0.55
C PRO B 19 3.39 -28.68 -0.58
N THR B 20 3.34 -27.78 0.41
CA THR B 20 4.26 -26.64 0.49
C THR B 20 4.79 -26.52 1.92
N ARG B 21 5.73 -25.60 2.12
CA ARG B 21 6.35 -25.42 3.43
C ARG B 21 6.27 -23.96 3.89
N GLY B 22 6.24 -23.78 5.21
CA GLY B 22 6.33 -22.45 5.80
C GLY B 22 5.17 -21.56 5.41
N ARG B 23 5.50 -20.32 5.02
CA ARG B 23 4.47 -19.37 4.61
C ARG B 23 3.94 -19.61 3.20
N GLU B 24 4.51 -20.56 2.46
CA GLU B 24 4.07 -20.76 1.09
C GLU B 24 2.61 -21.18 1.09
N LYS B 25 1.83 -20.60 0.16
CA LYS B 25 0.39 -20.83 0.13
C LYS B 25 0.11 -22.29 -0.15
N HIS B 26 -1.03 -22.77 0.36
CA HIS B 26 -1.33 -24.19 0.43
C HIS B 26 -2.73 -24.46 -0.12
N ASN B 27 -3.02 -25.76 -0.28
CA ASN B 27 -4.34 -26.33 -0.57
C ASN B 27 -4.83 -26.01 -1.98
N VAL B 28 -6.06 -26.43 -2.29
CA VAL B 28 -6.68 -26.07 -3.56
C VAL B 28 -7.23 -24.66 -3.42
N ARG B 29 -6.82 -23.76 -4.30
CA ARG B 29 -7.23 -22.37 -4.13
C ARG B 29 -7.19 -21.68 -5.49
N PRO B 30 -7.89 -20.57 -5.65
CA PRO B 30 -7.81 -19.83 -6.90
C PRO B 30 -6.40 -19.29 -7.10
N CYS B 31 -5.93 -19.34 -8.34
CA CYS B 31 -4.63 -18.85 -8.73
C CYS B 31 -4.74 -18.08 -10.05
N LEU B 32 -4.02 -16.97 -10.14
CA LEU B 32 -4.06 -16.12 -11.31
C LEU B 32 -2.90 -16.49 -12.24
N VAL B 33 -3.21 -16.88 -13.47
CA VAL B 33 -2.20 -17.28 -14.45
C VAL B 33 -1.63 -16.02 -15.09
N ILE B 34 -0.30 -15.84 -15.03
CA ILE B 34 0.31 -14.61 -15.51
C ILE B 34 1.35 -14.83 -16.61
N ASN B 35 1.67 -16.06 -17.00
CA ASN B 35 2.59 -16.18 -18.14
C ASN B 35 1.81 -16.15 -19.47
N ASN B 36 2.54 -15.85 -20.55
CA ASN B 36 1.84 -15.62 -21.82
C ASN B 36 1.41 -16.93 -22.47
N GLN B 37 0.58 -16.79 -23.51
CA GLN B 37 -0.04 -17.94 -24.15
C GLN B 37 1.00 -18.83 -24.80
N MET B 38 1.99 -18.19 -25.40
CA MET B 38 3.08 -18.90 -26.06
C MET B 38 3.78 -19.88 -25.13
N SER B 39 4.08 -19.43 -23.91
CA SER B 39 4.77 -20.29 -22.95
C SER B 39 3.84 -21.31 -22.30
N ILE B 40 2.57 -20.94 -22.07
CA ILE B 40 1.58 -21.93 -21.65
C ILE B 40 1.51 -23.07 -22.65
N ASP B 41 1.34 -22.74 -23.94
CA ASP B 41 1.16 -23.75 -24.98
C ASP B 41 2.43 -24.58 -25.18
N GLY B 42 3.60 -23.97 -25.04
CA GLY B 42 4.84 -24.65 -25.34
C GLY B 42 5.46 -25.44 -24.21
N THR B 43 5.04 -25.19 -22.97
CA THR B 43 5.58 -25.91 -21.82
C THR B 43 4.55 -26.64 -20.99
N ASN B 44 3.26 -26.27 -21.12
CA ASN B 44 2.19 -26.74 -20.23
C ASN B 44 2.49 -26.48 -18.75
N PHE B 45 3.32 -25.48 -18.47
CA PHE B 45 3.43 -24.87 -17.15
C PHE B 45 2.63 -23.58 -17.11
N VAL B 46 2.02 -23.27 -15.95
CA VAL B 46 1.42 -21.97 -15.70
C VAL B 46 2.22 -21.27 -14.60
N TRP B 47 2.47 -19.98 -14.80
CA TRP B 47 2.99 -19.11 -13.75
C TRP B 47 1.79 -18.54 -13.02
N VAL B 48 1.69 -18.77 -11.70
CA VAL B 48 0.50 -18.32 -10.98
C VAL B 48 0.87 -17.42 -9.81
N LEU B 49 -0.08 -16.56 -9.46
CA LEU B 49 -0.09 -15.79 -8.23
C LEU B 49 -1.28 -16.26 -7.42
N PRO B 50 -1.08 -16.80 -6.22
CA PRO B 50 -2.22 -17.34 -5.46
C PRO B 50 -3.11 -16.23 -4.93
N ILE B 51 -4.40 -16.52 -4.87
CA ILE B 51 -5.39 -15.60 -4.32
C ILE B 51 -5.74 -16.07 -2.90
N THR B 52 -5.87 -15.13 -1.98
CA THR B 52 -6.19 -15.41 -0.59
C THR B 52 -7.47 -14.70 -0.19
N THR B 53 -8.13 -15.21 0.87
CA THR B 53 -9.34 -14.60 1.41
C THR B 53 -9.08 -13.44 2.35
N ARG B 54 -7.85 -13.18 2.77
CA ARG B 54 -7.68 -12.00 3.58
C ARG B 54 -7.81 -10.75 2.73
N GLY B 55 -8.01 -9.62 3.39
CA GLY B 55 -8.01 -8.35 2.71
C GLY B 55 -6.58 -7.90 2.45
N LEU B 56 -6.46 -6.68 1.95
CA LEU B 56 -5.15 -6.07 1.79
C LEU B 56 -4.44 -6.00 3.14
N ARG B 57 -3.21 -6.53 3.20
CA ARG B 57 -2.41 -6.38 4.42
C ARG B 57 -0.98 -5.92 4.17
N TYR B 58 -0.44 -6.13 2.99
CA TYR B 58 0.93 -5.81 2.62
C TYR B 58 0.91 -5.02 1.33
N PRO B 59 1.96 -4.22 1.08
CA PRO B 59 1.96 -3.37 -0.13
C PRO B 59 2.00 -4.16 -1.41
N THR B 60 2.41 -5.43 -1.35
CA THR B 60 2.44 -6.30 -2.51
C THR B 60 1.08 -6.92 -2.82
N ASP B 61 0.10 -6.80 -1.92
CA ASP B 61 -1.25 -7.30 -2.19
C ASP B 61 -1.95 -6.43 -3.21
N ILE B 62 -2.70 -7.06 -4.12
CA ILE B 62 -3.51 -6.35 -5.11
C ILE B 62 -4.93 -6.90 -5.05
N GLN B 63 -5.91 -6.01 -4.90
CA GLN B 63 -7.30 -6.46 -4.84
C GLN B 63 -7.72 -7.10 -6.16
N LEU B 64 -8.34 -8.26 -6.08
CA LEU B 64 -8.78 -8.97 -7.28
C LEU B 64 -10.09 -8.40 -7.81
N LYS B 65 -10.16 -8.22 -9.14
CA LYS B 65 -11.39 -7.90 -9.86
C LYS B 65 -11.49 -8.83 -11.06
N THR B 66 -12.66 -9.45 -11.26
CA THR B 66 -12.79 -10.47 -12.28
C THR B 66 -13.99 -10.18 -13.20
N LYS B 67 -14.02 -10.91 -14.32
CA LYS B 67 -15.08 -10.73 -15.29
C LYS B 67 -16.38 -11.40 -14.88
N LYS B 68 -16.31 -12.56 -14.22
CA LYS B 68 -17.53 -13.27 -13.85
C LYS B 68 -17.94 -13.03 -12.41
N GLY B 69 -17.09 -12.43 -11.59
CA GLY B 69 -17.44 -12.19 -10.20
C GLY B 69 -17.43 -13.45 -9.35
N LEU B 70 -16.92 -14.56 -9.89
CA LEU B 70 -16.97 -15.84 -9.21
C LEU B 70 -15.83 -16.03 -8.22
N VAL B 71 -14.72 -15.32 -8.39
CA VAL B 71 -13.57 -15.40 -7.50
C VAL B 71 -13.36 -14.02 -6.92
N SER B 72 -13.19 -13.95 -5.60
CA SER B 72 -12.91 -12.69 -4.95
C SER B 72 -11.73 -12.84 -4.00
N GLY B 73 -11.22 -11.71 -3.52
CA GLY B 73 -10.08 -11.76 -2.64
C GLY B 73 -8.92 -10.87 -3.05
N VAL B 74 -7.73 -11.29 -2.68
CA VAL B 74 -6.52 -10.49 -2.82
C VAL B 74 -5.47 -11.34 -3.53
N ILE B 75 -4.81 -10.76 -4.53
CA ILE B 75 -3.69 -11.40 -5.23
C ILE B 75 -2.42 -11.22 -4.41
N ASP B 76 -1.76 -12.32 -4.05
CA ASP B 76 -0.50 -12.26 -3.31
C ASP B 76 0.62 -12.26 -4.36
N THR B 77 1.10 -11.07 -4.73
CA THR B 77 2.04 -10.99 -5.85
C THR B 77 3.45 -11.45 -5.50
N VAL B 78 3.74 -11.72 -4.23
CA VAL B 78 5.05 -12.19 -3.82
C VAL B 78 5.24 -13.65 -4.18
N GLN B 79 4.17 -14.43 -4.11
CA GLN B 79 4.29 -15.89 -4.09
C GLN B 79 4.10 -16.49 -5.48
N ILE B 80 4.84 -15.96 -6.45
CA ILE B 80 4.80 -16.49 -7.82
C ILE B 80 5.28 -17.95 -7.83
N ARG B 81 4.73 -18.74 -8.75
CA ARG B 81 5.06 -20.16 -8.80
C ARG B 81 4.70 -20.77 -10.14
N ALA B 82 5.62 -21.53 -10.72
CA ALA B 82 5.34 -22.27 -11.94
C ALA B 82 4.86 -23.66 -11.57
N LEU B 83 3.69 -24.06 -12.10
CA LEU B 83 3.07 -25.34 -11.80
C LEU B 83 2.91 -26.15 -13.09
N ASP B 84 3.16 -27.46 -12.99
CA ASP B 84 3.00 -28.37 -14.12
C ASP B 84 1.53 -28.78 -14.25
N LEU B 85 0.82 -28.23 -15.23
CA LEU B 85 -0.59 -28.58 -15.36
C LEU B 85 -0.83 -30.02 -15.81
N LYS B 86 0.17 -30.68 -16.40
CA LYS B 86 -0.06 -32.08 -16.71
C LYS B 86 -0.06 -32.95 -15.46
N ALA B 87 0.40 -32.42 -14.32
CA ALA B 87 0.54 -33.18 -13.10
C ALA B 87 -0.44 -32.80 -11.99
N ARG B 88 -1.08 -31.63 -12.06
CA ARG B 88 -1.96 -31.19 -10.99
C ARG B 88 -3.38 -30.99 -11.50
N GLN B 89 -4.34 -31.27 -10.62
CA GLN B 89 -5.74 -31.03 -10.91
C GLN B 89 -5.98 -29.53 -11.01
N TYR B 90 -6.77 -29.11 -12.00
CA TYR B 90 -7.07 -27.68 -12.13
C TYR B 90 -8.39 -27.50 -12.83
N ASN B 91 -9.07 -26.40 -12.51
CA ASN B 91 -10.34 -26.07 -13.16
C ASN B 91 -10.43 -24.57 -13.34
N TYR B 92 -10.68 -24.14 -14.59
CA TYR B 92 -10.96 -22.73 -14.84
C TYR B 92 -12.21 -22.28 -14.06
N LYS B 93 -12.16 -21.09 -13.47
CA LYS B 93 -13.40 -20.57 -12.88
C LYS B 93 -13.67 -19.13 -13.30
N ASP B 94 -12.63 -18.33 -13.55
CA ASP B 94 -12.83 -16.90 -13.79
C ASP B 94 -11.64 -16.34 -14.55
N GLU B 95 -11.69 -15.02 -14.83
CA GLU B 95 -10.69 -14.28 -15.58
C GLU B 95 -10.50 -12.89 -14.99
N LEU B 96 -9.25 -12.43 -14.94
CA LEU B 96 -8.97 -11.09 -14.44
C LEU B 96 -9.59 -10.02 -15.33
N GLN B 97 -10.14 -8.97 -14.72
CA GLN B 97 -10.64 -7.84 -15.51
C GLN B 97 -9.50 -7.19 -16.29
N ASP B 98 -9.79 -6.79 -17.54
CA ASP B 98 -8.75 -6.27 -18.43
C ASP B 98 -7.99 -5.10 -17.79
N ASN B 99 -8.71 -4.28 -17.07
CA ASN B 99 -8.14 -3.03 -16.49
C ASN B 99 -7.05 -3.29 -15.46
N LEU B 100 -7.02 -4.48 -14.85
CA LEU B 100 -6.00 -4.84 -13.83
C LEU B 100 -4.78 -5.55 -14.43
N LYS B 101 -4.84 -5.98 -15.67
CA LYS B 101 -3.78 -6.84 -16.22
C LYS B 101 -2.41 -6.18 -16.19
N ASN B 102 -2.38 -4.89 -16.49
CA ASN B 102 -1.10 -4.28 -16.72
C ASN B 102 -0.51 -3.82 -15.39
N ASP B 103 -1.35 -3.61 -14.35
CA ASP B 103 -0.84 -3.42 -12.98
C ASP B 103 -0.22 -4.69 -12.42
N ILE B 104 -0.78 -5.85 -12.76
CA ILE B 104 -0.18 -7.11 -12.30
C ILE B 104 1.24 -7.23 -12.81
N LEU B 105 1.43 -7.13 -14.14
CA LEU B 105 2.74 -7.34 -14.73
C LEU B 105 3.71 -6.27 -14.28
N LYS B 106 3.22 -5.04 -14.08
CA LYS B 106 4.05 -3.96 -13.60
C LYS B 106 4.58 -4.24 -12.19
N ALA B 107 3.73 -4.77 -11.31
CA ALA B 107 4.17 -5.16 -9.97
C ALA B 107 5.28 -6.22 -10.03
N ILE B 108 5.04 -7.30 -10.77
CA ILE B 108 6.04 -8.38 -10.88
C ILE B 108 7.39 -7.83 -11.34
N LYS B 109 7.38 -6.94 -12.34
CA LYS B 109 8.64 -6.39 -12.84
C LYS B 109 9.37 -5.56 -11.79
N THR B 110 8.64 -4.81 -10.95
CA THR B 110 9.32 -4.05 -9.90
C THR B 110 10.07 -4.95 -8.92
N TYR B 111 9.66 -6.21 -8.81
CA TYR B 111 10.38 -7.14 -7.95
C TYR B 111 11.61 -7.71 -8.62
N LEU B 112 11.74 -7.56 -9.94
CA LEU B 112 12.90 -8.08 -10.66
C LEU B 112 14.00 -7.02 -10.82
N LYS B 113 13.62 -5.76 -11.01
CA LYS B 113 14.61 -4.72 -11.31
C LYS B 113 15.62 -4.59 -10.18
N PRO B 114 16.92 -4.63 -10.48
CA PRO B 114 17.92 -4.57 -9.41
C PRO B 114 17.74 -3.38 -8.50
N THR B 115 17.81 -3.63 -7.20
CA THR B 115 17.72 -2.60 -6.19
C THR B 115 19.00 -1.77 -6.19
N ARG C 1 15.58 25.02 30.83
CA ARG C 1 15.26 23.63 31.14
C ARG C 1 15.83 22.66 30.10
N GLY C 2 15.40 22.80 28.85
CA GLY C 2 15.94 21.91 27.83
C GLY C 2 15.36 22.19 26.47
N SER C 3 15.96 21.53 25.48
CA SER C 3 15.48 21.62 24.12
C SER C 3 14.15 20.90 23.96
N HIS C 4 13.28 21.47 23.14
CA HIS C 4 11.99 20.86 22.85
C HIS C 4 12.16 19.54 22.11
N MET C 5 13.08 19.54 21.16
CA MET C 5 13.59 18.35 20.43
C MET C 5 12.69 17.90 19.29
N ASN C 6 11.41 17.78 19.53
CA ASN C 6 10.54 17.35 18.42
C ASN C 6 9.14 17.88 18.66
N ILE C 7 8.39 18.05 17.60
CA ILE C 7 7.04 18.56 17.71
C ILE C 7 6.20 17.59 18.53
N LYS C 8 5.38 18.13 19.44
CA LYS C 8 4.53 17.32 20.30
C LYS C 8 3.10 17.78 20.17
N GLN C 9 2.17 16.93 20.60
CA GLN C 9 0.76 17.31 20.61
C GLN C 9 0.57 18.58 21.42
N PHE C 10 -0.20 19.52 20.88
CA PHE C 10 -0.53 20.83 21.43
C PHE C 10 0.60 21.85 21.35
N ASP C 11 1.69 21.54 20.67
CA ASP C 11 2.63 22.59 20.28
C ASP C 11 1.98 23.59 19.34
N ILE C 12 2.48 24.81 19.36
CA ILE C 12 2.08 25.86 18.43
C ILE C 12 3.28 26.14 17.53
N LEU C 13 3.08 26.02 16.22
CA LEU C 13 4.17 26.17 15.29
C LEU C 13 3.74 27.08 14.15
N TYR C 14 4.71 27.80 13.60
CA TYR C 14 4.48 28.59 12.38
C TYR C 14 4.76 27.72 11.16
N ILE C 15 3.87 27.79 10.17
CA ILE C 15 4.00 26.96 8.99
C ILE C 15 3.24 27.65 7.86
N ASP C 16 3.77 27.54 6.64
CA ASP C 16 3.07 28.02 5.45
C ASP C 16 1.96 27.04 5.11
N LEU C 17 0.71 27.51 5.17
CA LEU C 17 -0.43 26.73 4.69
C LEU C 17 -0.61 26.80 3.17
N ASN C 18 0.10 27.72 2.50
CA ASN C 18 -0.18 27.97 1.09
C ASN C 18 0.24 26.80 0.22
N PRO C 19 -0.40 26.62 -0.93
CA PRO C 19 -1.56 27.41 -1.38
C PRO C 19 -2.88 26.71 -1.08
N THR C 20 -3.95 27.51 -0.91
CA THR C 20 -5.27 26.98 -0.53
C THR C 20 -6.33 27.72 -1.34
N ARG C 21 -7.59 27.28 -1.17
CA ARG C 21 -8.70 27.75 -2.00
C ARG C 21 -9.84 28.24 -1.12
N GLY C 22 -10.56 29.26 -1.60
CA GLY C 22 -11.78 29.71 -0.92
C GLY C 22 -11.52 30.22 0.50
N ARG C 23 -12.36 29.79 1.43
CA ARG C 23 -12.21 30.20 2.82
C ARG C 23 -11.09 29.48 3.57
N GLU C 24 -10.38 28.53 2.95
CA GLU C 24 -9.34 27.79 3.66
C GLU C 24 -8.23 28.74 4.08
N LYS C 25 -7.82 28.62 5.35
CA LYS C 25 -6.82 29.53 5.90
C LYS C 25 -5.53 29.46 5.07
N HIS C 26 -4.85 30.61 4.97
CA HIS C 26 -3.75 30.81 4.04
C HIS C 26 -2.55 31.37 4.81
N ASN C 27 -1.40 31.42 4.12
CA ASN C 27 -0.19 32.15 4.53
C ASN C 27 0.64 31.39 5.56
N VAL C 28 1.82 31.94 5.90
CA VAL C 28 2.51 31.47 7.10
C VAL C 28 1.74 31.96 8.31
N ARG C 29 1.39 31.04 9.22
CA ARG C 29 0.63 31.46 10.39
C ARG C 29 0.84 30.45 11.50
N PRO C 30 0.61 30.86 12.75
CA PRO C 30 0.65 29.88 13.85
C PRO C 30 -0.47 28.86 13.72
N CYS C 31 -0.15 27.61 14.05
CA CYS C 31 -1.10 26.50 14.01
C CYS C 31 -0.92 25.64 15.26
N LEU C 32 -2.01 25.05 15.73
CA LEU C 32 -2.01 24.23 16.93
C LEU C 32 -2.02 22.75 16.53
N VAL C 33 -0.99 22.01 16.94
CA VAL C 33 -0.85 20.59 16.60
C VAL C 33 -1.73 19.77 17.53
N ILE C 34 -2.61 18.93 16.98
CA ILE C 34 -3.54 18.20 17.82
C ILE C 34 -3.46 16.68 17.72
N ASN C 35 -2.68 16.08 16.80
CA ASN C 35 -2.58 14.62 16.81
C ASN C 35 -1.52 14.17 17.82
N ASN C 36 -1.57 12.89 18.22
CA ASN C 36 -0.77 12.46 19.36
C ASN C 36 0.68 12.19 18.96
N GLN C 37 1.50 11.89 19.98
CA GLN C 37 2.94 11.78 19.76
C GLN C 37 3.26 10.60 18.87
N MET C 38 2.52 9.49 19.03
CA MET C 38 2.84 8.31 18.22
C MET C 38 2.61 8.59 16.75
N SER C 39 1.55 9.35 16.46
CA SER C 39 1.21 9.63 15.08
C SER C 39 2.22 10.59 14.47
N ILE C 40 2.57 11.66 15.20
CA ILE C 40 3.58 12.59 14.71
C ILE C 40 4.88 11.85 14.45
N ASP C 41 5.37 11.11 15.45
CA ASP C 41 6.62 10.36 15.32
C ASP C 41 6.54 9.33 14.21
N GLY C 42 5.40 8.66 14.08
CA GLY C 42 5.29 7.56 13.13
C GLY C 42 5.06 7.97 11.70
N THR C 43 4.54 9.17 11.45
CA THR C 43 4.20 9.61 10.10
C THR C 43 4.85 10.91 9.65
N ASN C 44 5.35 11.73 10.59
CA ASN C 44 5.84 13.08 10.33
C ASN C 44 4.80 13.96 9.63
N PHE C 45 3.52 13.64 9.81
CA PHE C 45 2.43 14.57 9.59
C PHE C 45 2.00 15.20 10.92
N VAL C 46 1.61 16.47 10.89
CA VAL C 46 0.91 17.07 12.02
C VAL C 46 -0.52 17.38 11.60
N TRP C 47 -1.46 17.09 12.49
CA TRP C 47 -2.82 17.60 12.38
C TRP C 47 -2.83 18.97 13.03
N VAL C 48 -3.23 20.01 12.29
CA VAL C 48 -3.21 21.35 12.87
C VAL C 48 -4.58 21.99 12.82
N LEU C 49 -4.81 22.89 13.77
CA LEU C 49 -5.90 23.85 13.71
C LEU C 49 -5.29 25.24 13.58
N PRO C 50 -5.64 26.02 12.53
CA PRO C 50 -4.97 27.30 12.33
C PRO C 50 -5.45 28.35 13.31
N ILE C 51 -4.53 29.23 13.68
CA ILE C 51 -4.80 30.33 14.59
C ILE C 51 -4.96 31.61 13.78
N THR C 52 -5.94 32.42 14.15
CA THR C 52 -6.26 33.68 13.50
C THR C 52 -6.18 34.85 14.46
N THR C 53 -5.98 36.04 13.89
CA THR C 53 -5.92 37.28 14.64
C THR C 53 -7.29 37.87 14.95
N ARG C 54 -8.36 37.35 14.35
CA ARG C 54 -9.64 37.90 14.73
C ARG C 54 -10.05 37.37 16.10
N GLY C 55 -10.98 38.07 16.73
CA GLY C 55 -11.50 37.60 17.99
C GLY C 55 -12.48 36.47 17.76
N LEU C 56 -13.16 36.09 18.84
CA LEU C 56 -14.22 35.10 18.73
C LEU C 56 -15.33 35.63 17.83
N ARG C 57 -15.75 34.82 16.86
CA ARG C 57 -16.82 35.20 15.94
C ARG C 57 -17.84 34.10 15.71
N TYR C 58 -17.45 32.83 15.84
CA TYR C 58 -18.24 31.65 15.58
C TYR C 58 -18.16 30.74 16.78
N PRO C 59 -19.19 29.93 17.01
CA PRO C 59 -19.19 29.03 18.18
C PRO C 59 -18.01 28.07 18.17
N THR C 60 -17.46 27.78 16.99
CA THR C 60 -16.34 26.86 16.86
C THR C 60 -15.00 27.50 17.18
N ASP C 61 -14.96 28.80 17.40
CA ASP C 61 -13.73 29.49 17.78
C ASP C 61 -13.42 29.22 19.25
N ILE C 62 -12.14 29.00 19.57
CA ILE C 62 -11.68 28.86 20.94
C ILE C 62 -10.50 29.80 21.16
N GLN C 63 -10.59 30.64 22.19
CA GLN C 63 -9.50 31.59 22.46
C GLN C 63 -8.22 30.85 22.83
N LEU C 64 -7.12 31.20 22.18
CA LEU C 64 -5.84 30.57 22.46
C LEU C 64 -5.27 31.11 23.78
N LYS C 65 -4.78 30.20 24.62
CA LYS C 65 -3.93 30.56 25.75
C LYS C 65 -2.70 29.66 25.74
N THR C 66 -1.52 30.24 25.95
CA THR C 66 -0.29 29.49 25.77
C THR C 66 0.60 29.59 27.01
N LYS C 67 1.56 28.65 27.08
CA LYS C 67 2.44 28.60 28.25
C LYS C 67 3.46 29.73 28.26
N LYS C 68 3.89 30.19 27.09
CA LYS C 68 4.89 31.25 27.02
C LYS C 68 4.31 32.62 26.68
N GLY C 69 3.03 32.70 26.31
CA GLY C 69 2.45 33.96 25.92
C GLY C 69 3.00 34.57 24.66
N LEU C 70 3.72 33.78 23.85
CA LEU C 70 4.35 34.31 22.64
C LEU C 70 3.41 34.35 21.43
N VAL C 71 2.31 33.60 21.44
CA VAL C 71 1.33 33.62 20.35
C VAL C 71 -0.03 33.90 20.94
N SER C 72 -0.78 34.82 20.33
CA SER C 72 -2.15 35.10 20.77
C SER C 72 -3.10 34.97 19.59
N GLY C 73 -4.37 34.79 19.89
CA GLY C 73 -5.36 34.73 18.83
C GLY C 73 -6.45 33.72 19.15
N VAL C 74 -7.14 33.32 18.10
CA VAL C 74 -8.28 32.43 18.20
C VAL C 74 -7.97 31.16 17.40
N ILE C 75 -8.33 30.01 17.96
CA ILE C 75 -8.18 28.73 17.26
C ILE C 75 -9.43 28.46 16.43
N ASP C 76 -9.25 28.26 15.12
CA ASP C 76 -10.35 27.90 14.21
C ASP C 76 -10.45 26.37 14.20
N THR C 77 -11.34 25.83 15.03
CA THR C 77 -11.41 24.36 15.17
C THR C 77 -12.10 23.70 13.98
N VAL C 78 -12.65 24.47 13.05
CA VAL C 78 -13.30 23.85 11.89
C VAL C 78 -12.26 23.43 10.85
N GLN C 79 -11.13 24.14 10.78
CA GLN C 79 -10.26 23.99 9.61
C GLN C 79 -9.09 23.05 9.91
N ILE C 80 -9.43 21.86 10.39
CA ILE C 80 -8.40 20.85 10.68
C ILE C 80 -7.70 20.46 9.38
N ARG C 81 -6.38 20.23 9.47
CA ARG C 81 -5.62 19.88 8.28
C ARG C 81 -4.36 19.10 8.63
N ALA C 82 -4.08 18.01 7.91
CA ALA C 82 -2.83 17.28 8.07
C ALA C 82 -1.80 17.83 7.11
N LEU C 83 -0.63 18.18 7.63
CA LEU C 83 0.46 18.75 6.85
C LEU C 83 1.70 17.87 6.96
N ASP C 84 2.42 17.73 5.84
CA ASP C 84 3.65 16.96 5.79
C ASP C 84 4.79 17.82 6.30
N LEU C 85 5.29 17.54 7.51
CA LEU C 85 6.41 18.31 8.06
C LEU C 85 7.72 18.09 7.32
N LYS C 86 7.85 16.98 6.58
CA LYS C 86 9.05 16.82 5.76
C LYS C 86 9.10 17.80 4.60
N ALA C 87 7.95 18.29 4.13
CA ALA C 87 7.91 19.14 2.95
C ALA C 87 7.63 20.60 3.23
N ARG C 88 7.11 20.95 4.40
CA ARG C 88 6.80 22.34 4.72
C ARG C 88 7.72 22.80 5.84
N GLN C 89 8.35 23.95 5.66
CA GLN C 89 9.22 24.49 6.69
C GLN C 89 8.36 24.95 7.87
N TYR C 90 8.87 24.78 9.08
CA TYR C 90 8.09 25.14 10.26
C TYR C 90 9.02 25.61 11.37
N ASN C 91 8.41 26.25 12.37
CA ASN C 91 9.15 26.78 13.51
C ASN C 91 8.31 26.64 14.76
N TYR C 92 8.79 25.85 15.72
CA TYR C 92 8.11 25.71 17.00
C TYR C 92 8.20 27.01 17.78
N LYS C 93 7.08 27.44 18.36
CA LYS C 93 7.12 28.70 19.10
C LYS C 93 6.58 28.60 20.52
N ASP C 94 5.47 27.88 20.72
CA ASP C 94 4.73 27.96 21.98
C ASP C 94 3.97 26.65 22.16
N GLU C 95 3.33 26.53 23.31
CA GLU C 95 2.50 25.37 23.65
C GLU C 95 1.18 25.81 24.28
N LEU C 96 0.11 25.08 23.95
CA LEU C 96 -1.18 25.33 24.57
C LEU C 96 -1.16 25.09 26.07
N GLN C 97 -1.82 25.95 26.84
CA GLN C 97 -1.93 25.77 28.28
C GLN C 97 -2.69 24.47 28.57
N ASP C 98 -2.26 23.76 29.64
CA ASP C 98 -2.80 22.44 29.92
C ASP C 98 -4.31 22.46 30.09
N ASN C 99 -4.84 23.51 30.73
CA ASN C 99 -6.26 23.51 31.03
C ASN C 99 -7.14 23.73 29.80
N LEU C 100 -6.56 23.91 28.60
CA LEU C 100 -7.34 24.03 27.38
C LEU C 100 -7.32 22.76 26.54
N LYS C 101 -6.46 21.79 26.87
CA LYS C 101 -6.20 20.67 25.99
C LYS C 101 -7.46 19.83 25.77
N ASN C 102 -8.18 19.52 26.86
CA ASN C 102 -9.33 18.64 26.71
C ASN C 102 -10.49 19.33 26.00
N ASP C 103 -10.62 20.67 26.17
CA ASP C 103 -11.66 21.39 25.45
C ASP C 103 -11.42 21.30 23.95
N ILE C 104 -10.17 21.42 23.51
CA ILE C 104 -9.86 21.29 22.09
C ILE C 104 -10.27 19.92 21.59
N LEU C 105 -9.84 18.88 22.29
CA LEU C 105 -10.16 17.54 21.81
C LEU C 105 -11.65 17.24 21.84
N LYS C 106 -12.39 17.85 22.80
CA LYS C 106 -13.82 17.56 22.93
C LYS C 106 -14.59 18.29 21.83
N ALA C 107 -14.10 19.49 21.45
CA ALA C 107 -14.68 20.21 20.34
C ALA C 107 -14.57 19.40 19.07
N ILE C 108 -13.39 18.85 18.81
CA ILE C 108 -13.17 18.09 17.58
C ILE C 108 -14.10 16.88 17.50
N LYS C 109 -14.24 16.14 18.60
CA LYS C 109 -15.10 14.95 18.59
C LYS C 109 -16.57 15.30 18.40
N THR C 110 -17.01 16.48 18.84
CA THR C 110 -18.38 16.89 18.57
C THR C 110 -18.66 17.02 17.08
N TYR C 111 -17.62 17.28 16.28
CA TYR C 111 -17.83 17.44 14.84
C TYR C 111 -17.82 16.10 14.12
N LEU C 112 -17.44 15.02 14.80
CA LEU C 112 -17.39 13.68 14.22
C LEU C 112 -18.60 12.82 14.58
N LYS C 113 -19.17 13.01 15.76
CA LYS C 113 -20.28 12.17 16.23
C LYS C 113 -21.46 12.30 15.28
N PRO C 114 -21.95 11.21 14.69
CA PRO C 114 -23.05 11.31 13.73
C PRO C 114 -24.20 12.15 14.28
N THR C 115 -24.70 13.05 13.44
CA THR C 115 -25.81 13.90 13.78
C THR C 115 -27.10 13.08 13.79
N ASN D 6 21.15 -12.16 4.30
CA ASN D 6 22.43 -12.74 3.91
C ASN D 6 22.45 -13.05 2.41
N ILE D 7 21.27 -13.19 1.80
CA ILE D 7 21.13 -13.63 0.42
C ILE D 7 20.99 -12.41 -0.49
N LYS D 8 21.64 -12.47 -1.66
CA LYS D 8 21.60 -11.40 -2.64
C LYS D 8 21.06 -11.89 -3.97
N GLN D 9 20.43 -10.97 -4.70
CA GLN D 9 20.00 -11.28 -6.06
C GLN D 9 21.18 -11.82 -6.84
N PHE D 10 20.92 -12.86 -7.63
CA PHE D 10 21.86 -13.58 -8.49
C PHE D 10 22.82 -14.46 -7.71
N ASP D 11 22.68 -14.55 -6.38
CA ASP D 11 23.29 -15.64 -5.64
C ASP D 11 22.79 -16.98 -6.16
N ILE D 12 23.64 -18.00 -6.04
CA ILE D 12 23.26 -19.38 -6.37
C ILE D 12 23.36 -20.19 -5.08
N LEU D 13 22.25 -20.81 -4.67
CA LEU D 13 22.14 -21.52 -3.41
C LEU D 13 21.68 -22.95 -3.66
N TYR D 14 22.20 -23.88 -2.86
CA TYR D 14 21.56 -25.18 -2.76
C TYR D 14 20.27 -25.04 -1.95
N ILE D 15 19.15 -25.52 -2.50
CA ILE D 15 17.86 -25.48 -1.83
C ILE D 15 17.15 -26.81 -2.04
N ASP D 16 16.56 -27.34 -0.98
CA ASP D 16 15.62 -28.44 -1.09
C ASP D 16 14.29 -27.93 -1.59
N LEU D 17 13.88 -28.41 -2.76
CA LEU D 17 12.65 -28.00 -3.43
C LEU D 17 11.47 -28.94 -3.15
N ASN D 18 11.73 -30.09 -2.54
CA ASN D 18 10.69 -31.08 -2.27
C ASN D 18 9.65 -30.50 -1.30
N PRO D 19 8.39 -30.92 -1.40
CA PRO D 19 7.82 -31.86 -2.37
C PRO D 19 7.37 -31.18 -3.65
N THR D 20 7.45 -31.87 -4.79
CA THR D 20 7.01 -31.31 -6.07
C THR D 20 6.15 -32.35 -6.80
N ARG D 21 5.62 -31.96 -7.96
CA ARG D 21 4.79 -32.86 -8.74
C ARG D 21 5.17 -32.77 -10.21
N GLY D 22 5.07 -33.90 -10.90
CA GLY D 22 5.27 -33.93 -12.35
C GLY D 22 6.69 -33.54 -12.73
N ARG D 23 6.81 -32.61 -13.68
CA ARG D 23 8.11 -32.15 -14.17
C ARG D 23 8.75 -31.09 -13.29
N GLU D 24 8.08 -30.63 -12.24
CA GLU D 24 8.69 -29.65 -11.34
C GLU D 24 9.98 -30.20 -10.75
N LYS D 25 11.06 -29.40 -10.85
CA LYS D 25 12.36 -29.84 -10.35
C LYS D 25 12.29 -30.12 -8.85
N HIS D 26 12.91 -31.23 -8.43
CA HIS D 26 12.81 -31.70 -7.06
C HIS D 26 14.21 -31.90 -6.48
N ASN D 27 14.25 -32.41 -5.25
CA ASN D 27 15.50 -32.79 -4.58
C ASN D 27 16.27 -31.52 -4.18
N VAL D 28 17.44 -31.66 -3.57
CA VAL D 28 18.30 -30.51 -3.31
C VAL D 28 19.14 -30.25 -4.55
N ARG D 29 19.22 -28.97 -4.94
CA ARG D 29 19.92 -28.62 -6.16
C ARG D 29 20.25 -27.13 -6.12
N PRO D 30 21.25 -26.70 -6.88
CA PRO D 30 21.54 -25.26 -6.98
C PRO D 30 20.39 -24.52 -7.64
N CYS D 31 20.12 -23.31 -7.12
CA CYS D 31 19.04 -22.47 -7.62
C CYS D 31 19.54 -21.03 -7.72
N LEU D 32 19.12 -20.34 -8.77
CA LEU D 32 19.53 -18.95 -8.97
C LEU D 32 18.48 -18.01 -8.38
N VAL D 33 18.91 -17.13 -7.49
CA VAL D 33 18.03 -16.12 -6.88
C VAL D 33 17.83 -14.98 -7.87
N ILE D 34 16.57 -14.64 -8.18
CA ILE D 34 16.31 -13.59 -9.16
C ILE D 34 15.47 -12.41 -8.67
N ASN D 35 14.83 -12.44 -7.48
CA ASN D 35 14.17 -11.20 -7.09
C ASN D 35 15.18 -10.24 -6.47
N ASN D 36 14.80 -8.98 -6.34
CA ASN D 36 15.78 -7.95 -6.03
C ASN D 36 15.93 -7.81 -4.50
N GLN D 37 16.85 -6.95 -4.07
CA GLN D 37 17.19 -6.95 -2.65
C GLN D 37 16.05 -6.42 -1.81
N MET D 38 15.31 -5.43 -2.33
CA MET D 38 14.10 -4.95 -1.65
C MET D 38 13.15 -6.09 -1.36
N SER D 39 12.94 -6.95 -2.36
CA SER D 39 11.98 -8.05 -2.22
C SER D 39 12.47 -9.09 -1.24
N ILE D 40 13.74 -9.52 -1.38
CA ILE D 40 14.31 -10.50 -0.47
C ILE D 40 14.22 -10.01 0.98
N ASP D 41 14.73 -8.79 1.23
CA ASP D 41 14.76 -8.27 2.60
C ASP D 41 13.36 -7.96 3.10
N GLY D 42 12.47 -7.51 2.21
CA GLY D 42 11.14 -7.09 2.63
C GLY D 42 10.18 -8.23 2.88
N THR D 43 10.34 -9.35 2.19
CA THR D 43 9.40 -10.46 2.25
C THR D 43 9.99 -11.75 2.82
N ASN D 44 11.31 -11.86 2.88
CA ASN D 44 12.01 -13.10 3.22
C ASN D 44 11.57 -14.28 2.35
N PHE D 45 11.04 -14.00 1.16
CA PHE D 45 10.85 -14.99 0.12
C PHE D 45 11.94 -14.80 -0.92
N VAL D 46 12.41 -15.89 -1.48
CA VAL D 46 13.40 -15.80 -2.54
C VAL D 46 12.73 -16.38 -3.79
N TRP D 47 12.89 -15.67 -4.92
CA TRP D 47 12.45 -16.19 -6.23
C TRP D 47 13.63 -16.90 -6.87
N VAL D 48 13.45 -18.18 -7.22
CA VAL D 48 14.56 -18.96 -7.73
C VAL D 48 14.23 -19.54 -9.10
N LEU D 49 15.27 -19.71 -9.90
CA LEU D 49 15.24 -20.57 -11.07
C LEU D 49 16.12 -21.77 -10.79
N PRO D 50 15.61 -22.98 -10.96
CA PRO D 50 16.42 -24.16 -10.64
C PRO D 50 17.44 -24.46 -11.73
N ILE D 51 18.52 -25.12 -11.32
CA ILE D 51 19.63 -25.46 -12.20
C ILE D 51 19.67 -26.97 -12.33
N THR D 52 19.88 -27.44 -13.56
CA THR D 52 19.93 -28.86 -13.85
C THR D 52 21.25 -29.23 -14.51
N THR D 53 21.68 -30.46 -14.29
CA THR D 53 22.86 -31.01 -14.95
C THR D 53 22.51 -31.78 -16.21
N ARG D 54 21.24 -31.89 -16.56
CA ARG D 54 20.83 -32.81 -17.60
C ARG D 54 21.12 -32.25 -18.99
N GLY D 55 21.49 -30.99 -19.10
CA GLY D 55 21.86 -30.41 -20.39
C GLY D 55 20.80 -29.43 -20.88
N LEU D 56 21.00 -28.98 -22.13
CA LEU D 56 20.17 -27.92 -22.69
C LEU D 56 19.21 -28.54 -23.71
N ARG D 57 17.98 -28.74 -23.28
CA ARG D 57 16.93 -29.42 -24.08
C ARG D 57 15.93 -28.48 -24.73
N TYR D 58 15.59 -27.41 -24.04
CA TYR D 58 14.50 -26.57 -24.44
C TYR D 58 14.98 -25.17 -24.80
N PRO D 59 14.26 -24.46 -25.66
CA PRO D 59 14.64 -23.08 -25.99
C PRO D 59 14.54 -22.15 -24.79
N THR D 60 13.86 -22.57 -23.73
CA THR D 60 13.78 -21.79 -22.52
C THR D 60 14.95 -22.02 -21.58
N ASP D 61 15.83 -22.98 -21.89
CA ASP D 61 17.02 -23.25 -21.09
C ASP D 61 18.12 -22.22 -21.38
N ILE D 62 18.86 -21.85 -20.33
CA ILE D 62 20.01 -20.95 -20.48
C ILE D 62 21.18 -21.51 -19.69
N GLN D 63 22.31 -21.70 -20.38
CA GLN D 63 23.49 -22.31 -19.76
C GLN D 63 24.06 -21.39 -18.68
N LEU D 64 24.41 -22.01 -17.56
CA LEU D 64 24.86 -21.28 -16.38
C LEU D 64 26.33 -20.89 -16.50
N LYS D 65 26.65 -19.67 -16.10
CA LYS D 65 28.03 -19.24 -15.88
C LYS D 65 28.11 -18.55 -14.53
N THR D 66 29.12 -18.89 -13.74
CA THR D 66 29.21 -18.38 -12.37
C THR D 66 30.56 -17.70 -12.15
N LYS D 67 30.65 -17.00 -11.01
CA LYS D 67 31.84 -16.20 -10.72
C LYS D 67 32.99 -17.05 -10.18
N LYS D 68 32.69 -18.12 -9.44
CA LYS D 68 33.72 -18.98 -8.87
C LYS D 68 33.85 -20.31 -9.57
N GLY D 69 32.96 -20.62 -10.52
CA GLY D 69 33.04 -21.89 -11.22
C GLY D 69 32.71 -23.08 -10.38
N LEU D 70 32.01 -22.89 -9.27
CA LEU D 70 31.72 -23.97 -8.34
C LEU D 70 30.42 -24.68 -8.66
N VAL D 71 29.53 -24.07 -9.45
CA VAL D 71 28.30 -24.70 -9.90
C VAL D 71 28.29 -24.71 -11.43
N SER D 72 27.86 -25.83 -12.01
CA SER D 72 27.73 -25.96 -13.46
C SER D 72 26.36 -26.51 -13.81
N GLY D 73 25.88 -26.14 -14.99
CA GLY D 73 24.62 -26.70 -15.46
C GLY D 73 23.86 -25.70 -16.30
N VAL D 74 22.56 -25.92 -16.36
CA VAL D 74 21.64 -25.15 -17.19
C VAL D 74 20.55 -24.56 -16.30
N ILE D 75 20.24 -23.30 -16.53
CA ILE D 75 19.13 -22.63 -15.84
C ILE D 75 17.82 -22.96 -16.56
N ASP D 76 16.88 -23.57 -15.85
CA ASP D 76 15.52 -23.77 -16.38
C ASP D 76 14.69 -22.53 -16.07
N THR D 77 14.53 -21.64 -17.07
CA THR D 77 13.84 -20.37 -16.82
C THR D 77 12.32 -20.52 -16.73
N VAL D 78 11.76 -21.66 -17.13
CA VAL D 78 10.32 -21.86 -16.97
C VAL D 78 9.93 -22.00 -15.50
N GLN D 79 10.78 -22.64 -14.69
CA GLN D 79 10.31 -23.18 -13.40
C GLN D 79 10.58 -22.22 -12.24
N ILE D 80 10.04 -21.00 -12.39
CA ILE D 80 10.22 -19.97 -11.37
C ILE D 80 9.42 -20.34 -10.11
N ARG D 81 9.99 -20.04 -8.94
CA ARG D 81 9.35 -20.42 -7.67
C ARG D 81 9.73 -19.45 -6.56
N ALA D 82 8.74 -18.95 -5.83
CA ALA D 82 8.96 -18.21 -4.60
C ALA D 82 9.03 -19.19 -3.43
N LEU D 83 10.15 -19.19 -2.69
CA LEU D 83 10.38 -20.12 -1.61
C LEU D 83 10.51 -19.38 -0.30
N ASP D 84 9.95 -19.98 0.75
CA ASP D 84 10.07 -19.44 2.10
C ASP D 84 11.33 -20.03 2.71
N LEU D 85 12.40 -19.23 2.73
CA LEU D 85 13.68 -19.77 3.19
C LEU D 85 13.73 -19.92 4.71
N LYS D 86 12.89 -19.18 5.42
CA LYS D 86 12.65 -19.46 6.82
C LYS D 86 12.31 -20.93 7.07
N ALA D 87 11.71 -21.63 6.08
CA ALA D 87 11.27 -23.01 6.28
C ALA D 87 12.03 -24.02 5.44
N ARG D 88 13.10 -23.62 4.76
CA ARG D 88 13.80 -24.54 3.86
C ARG D 88 15.29 -24.43 4.11
N GLN D 89 16.04 -25.53 3.95
CA GLN D 89 17.40 -25.37 4.47
C GLN D 89 18.08 -24.63 3.34
N TYR D 90 19.19 -23.96 3.60
CA TYR D 90 19.85 -23.52 2.38
C TYR D 90 21.30 -23.16 2.63
N ASN D 91 22.08 -23.20 1.56
CA ASN D 91 23.51 -22.91 1.66
C ASN D 91 23.97 -22.13 0.43
N TYR D 92 24.56 -20.97 0.67
CA TYR D 92 25.16 -20.21 -0.43
C TYR D 92 26.31 -21.00 -1.05
N LYS D 93 26.43 -20.89 -2.36
CA LYS D 93 27.47 -21.64 -3.07
C LYS D 93 28.27 -20.78 -4.04
N ASP D 94 27.62 -19.91 -4.79
CA ASP D 94 28.25 -19.25 -5.92
C ASP D 94 27.38 -18.08 -6.32
N GLU D 95 27.71 -17.45 -7.44
CA GLU D 95 27.07 -16.23 -7.90
C GLU D 95 27.08 -16.21 -9.43
N LEU D 96 26.06 -15.60 -10.02
CA LEU D 96 25.99 -15.50 -11.48
C LEU D 96 27.06 -14.55 -12.01
N GLN D 97 27.61 -14.88 -13.19
CA GLN D 97 28.50 -13.94 -13.86
C GLN D 97 27.75 -12.66 -14.19
N ASP D 98 28.47 -11.54 -14.12
CA ASP D 98 27.84 -10.23 -14.35
C ASP D 98 27.21 -10.15 -15.73
N ASN D 99 27.89 -10.66 -16.76
CA ASN D 99 27.42 -10.46 -18.13
C ASN D 99 26.21 -11.32 -18.48
N LEU D 100 25.73 -12.15 -17.54
CA LEU D 100 24.54 -12.95 -17.76
C LEU D 100 23.32 -12.41 -17.01
N LYS D 101 23.53 -11.45 -16.10
CA LYS D 101 22.44 -10.94 -15.26
C LYS D 101 21.32 -10.34 -16.08
N ASN D 102 21.64 -9.46 -17.04
CA ASN D 102 20.60 -8.76 -17.79
C ASN D 102 19.79 -9.74 -18.64
N ASP D 103 20.48 -10.69 -19.29
CA ASP D 103 19.78 -11.66 -20.13
C ASP D 103 18.81 -12.50 -19.32
N ILE D 104 19.20 -12.85 -18.08
CA ILE D 104 18.31 -13.61 -17.21
C ILE D 104 17.04 -12.81 -16.91
N LEU D 105 17.21 -11.56 -16.47
CA LEU D 105 16.03 -10.73 -16.19
C LEU D 105 15.17 -10.56 -17.43
N LYS D 106 15.79 -10.37 -18.61
CA LYS D 106 15.00 -10.22 -19.83
C LYS D 106 14.29 -11.50 -20.19
N ALA D 107 14.93 -12.66 -19.94
CA ALA D 107 14.28 -13.94 -20.19
C ALA D 107 13.02 -14.08 -19.36
N ILE D 108 13.11 -13.75 -18.07
CA ILE D 108 11.94 -13.86 -17.20
C ILE D 108 10.85 -12.90 -17.66
N LYS D 109 11.24 -11.65 -17.94
CA LYS D 109 10.25 -10.66 -18.34
C LYS D 109 9.58 -11.01 -19.66
N THR D 110 10.20 -11.84 -20.51
CA THR D 110 9.57 -12.27 -21.76
C THR D 110 8.34 -13.14 -21.55
N TYR D 111 8.31 -13.94 -20.48
CA TYR D 111 7.17 -14.80 -20.22
C TYR D 111 5.91 -14.00 -19.89
N LEU D 112 6.09 -12.78 -19.37
CA LEU D 112 4.97 -11.93 -18.97
C LEU D 112 4.36 -11.14 -20.13
N LYS D 113 5.16 -10.74 -21.14
CA LYS D 113 4.67 -9.96 -22.29
C LYS D 113 3.57 -10.74 -23.02
N PRO D 114 2.35 -10.17 -23.11
CA PRO D 114 1.24 -10.92 -23.72
C PRO D 114 1.54 -11.30 -25.16
N THR D 115 0.96 -12.42 -25.61
CA THR D 115 1.09 -12.92 -26.98
C THR D 115 -0.31 -13.33 -27.42
N LEU D 116 -1.18 -12.35 -27.58
CA LEU D 116 -2.60 -12.61 -27.87
C LEU D 116 -2.80 -13.20 -29.26
P PO4 E . -3.21 7.04 -6.69
O1 PO4 E . -1.93 6.37 -6.23
O2 PO4 E . -2.94 8.50 -6.98
O3 PO4 E . -4.25 6.92 -5.61
O4 PO4 E . -3.71 6.36 -7.94
P PO4 F . -6.31 -18.31 3.00
O1 PO4 F . -5.00 -17.73 2.52
O2 PO4 F . -7.42 -17.89 2.06
O3 PO4 F . -6.22 -19.82 3.01
O4 PO4 F . -6.61 -17.81 4.40
C1 GOL G . -16.77 28.66 10.36
O1 GOL G . -17.27 28.46 9.03
C2 GOL G . -15.45 29.42 10.28
O2 GOL G . -15.69 30.74 9.75
C3 GOL G . -14.48 28.67 9.37
O3 GOL G . -13.28 29.44 9.21
P PO4 H . -6.06 36.33 9.39
O1 PO4 H . -4.55 36.40 9.29
O2 PO4 H . -6.49 36.85 10.74
O3 PO4 H . -6.51 34.90 9.23
O4 PO4 H . -6.67 37.18 8.30
P PO4 I . 16.90 -32.89 -13.08
O1 PO4 I . 17.94 -33.89 -13.50
O2 PO4 I . 15.83 -32.80 -14.14
O3 PO4 I . 17.55 -31.54 -12.90
O4 PO4 I . 16.27 -33.32 -11.78
#